data_6ZIF
#
_entry.id   6ZIF
#
_cell.length_a   60.76
_cell.length_b   60.76
_cell.length_c   231.93
_cell.angle_alpha   90
_cell.angle_beta   90
_cell.angle_gamma   90
#
_symmetry.space_group_name_H-M   'P 43 21 2'
#
loop_
_entity.id
_entity.type
_entity.pdbx_description
1 polymer RkCSP3
2 non-polymer 'COPPER (I) ION'
3 non-polymer 'ZINC ION'
#
_entity_poly.entity_id   1
_entity_poly.type   'polypeptide(L)'
_entity_poly.pdbx_seq_one_letter_code
;SKEMQSCVDECLRCYQMCFGMAMTHCLETGGDHVKPKHFRAMISCAEMCRNAAHMMLMKSPQARHICEDCAEACEACAKE
CDALPDMKDCAAQCRRCAEACRKMAGQK
;
_entity_poly.pdbx_strand_id   A,B,C,D
#
loop_
_chem_comp.id
_chem_comp.type
_chem_comp.name
_chem_comp.formula
CU1 non-polymer 'COPPER (I) ION' 'Cu 1'
ZN non-polymer 'ZINC ION' 'Zn 2'
#
# COMPACT_ATOMS: atom_id res chain seq x y z
N SER A 1 15.49 15.54 9.64
CA SER A 1 14.30 15.99 8.86
C SER A 1 14.74 16.65 7.56
N LYS A 2 16.05 16.56 7.26
CA LYS A 2 16.59 16.94 5.97
C LYS A 2 17.17 15.68 5.30
N GLU A 3 18.02 14.94 6.03
CA GLU A 3 18.45 13.63 5.60
C GLU A 3 17.25 12.68 5.53
N MET A 4 16.16 13.10 6.16
CA MET A 4 14.93 12.33 6.18
C MET A 4 14.16 12.53 4.88
N GLN A 5 13.94 13.79 4.46
CA GLN A 5 13.24 14.03 3.21
C GLN A 5 14.08 13.50 2.05
N SER A 6 15.38 13.37 2.28
CA SER A 6 16.29 12.80 1.31
C SER A 6 16.02 11.31 1.16
N CYS A 7 15.93 10.59 2.28
CA CYS A 7 15.70 9.16 2.25
C CYS A 7 14.31 8.87 1.67
N VAL A 8 13.31 9.70 1.97
CA VAL A 8 11.96 9.56 1.45
C VAL A 8 11.94 9.69 -0.07
N ASP A 9 12.58 10.76 -0.56
CA ASP A 9 12.68 11.05 -1.97
C ASP A 9 13.40 9.93 -2.70
N GLU A 10 14.53 9.46 -2.15
CA GLU A 10 15.30 8.35 -2.69
C GLU A 10 14.47 7.04 -2.75
N CYS A 11 13.84 6.65 -1.63
CA CYS A 11 13.02 5.45 -1.59
C CYS A 11 11.82 5.53 -2.55
N LEU A 12 11.22 6.72 -2.72
CA LEU A 12 10.12 6.84 -3.68
C LEU A 12 10.62 6.76 -5.11
N ARG A 13 11.82 7.28 -5.38
CA ARG A 13 12.40 7.24 -6.70
C ARG A 13 12.69 5.79 -7.05
N CYS A 14 13.25 5.07 -6.08
CA CYS A 14 13.61 3.69 -6.27
C CYS A 14 12.35 2.83 -6.40
N TYR A 15 11.32 3.14 -5.61
CA TYR A 15 10.04 2.45 -5.81
C TYR A 15 9.60 2.60 -7.27
N GLN A 16 9.74 3.81 -7.80
CA GLN A 16 9.25 4.09 -9.15
C GLN A 16 10.04 3.29 -10.18
N MET A 17 11.37 3.28 -9.98
CA MET A 17 12.29 2.56 -10.85
C MET A 17 11.93 1.08 -10.87
N CYS A 18 11.94 0.42 -9.70
CA CYS A 18 11.80 -1.02 -9.65
C CYS A 18 10.39 -1.47 -10.03
N PHE A 19 9.36 -0.76 -9.55
CA PHE A 19 8.00 -1.21 -9.86
C PHE A 19 7.64 -0.89 -11.31
N GLY A 20 8.02 0.32 -11.76
CA GLY A 20 7.78 0.76 -13.12
C GLY A 20 8.51 -0.10 -14.14
N MET A 21 9.77 -0.43 -13.88
CA MET A 21 10.54 -1.29 -14.78
C MET A 21 9.96 -2.70 -14.83
N ALA A 22 9.67 -3.28 -13.64
CA ALA A 22 9.14 -4.62 -13.61
C ALA A 22 7.88 -4.71 -14.47
N MET A 23 6.97 -3.74 -14.33
CA MET A 23 5.64 -3.93 -14.89
C MET A 23 5.59 -3.41 -16.33
N THR A 24 6.66 -2.76 -16.78
CA THR A 24 6.70 -2.28 -18.17
C THR A 24 7.81 -3.02 -18.91
N HIS A 25 9.04 -2.49 -18.87
CA HIS A 25 10.15 -3.11 -19.58
C HIS A 25 10.27 -4.62 -19.34
N CYS A 26 10.39 -5.06 -18.08
CA CYS A 26 10.65 -6.47 -17.80
C CYS A 26 9.49 -7.35 -18.27
N LEU A 27 8.26 -6.98 -17.92
CA LEU A 27 7.09 -7.74 -18.33
C LEU A 27 7.00 -7.79 -19.85
N GLU A 28 7.38 -6.70 -20.54
CA GLU A 28 7.21 -6.66 -21.98
C GLU A 28 8.33 -7.40 -22.69
N THR A 29 9.51 -7.47 -22.08
CA THR A 29 10.62 -8.19 -22.70
C THR A 29 10.45 -9.70 -22.48
N GLY A 30 9.99 -10.12 -21.29
CA GLY A 30 9.96 -11.54 -20.96
C GLY A 30 11.38 -12.09 -20.79
N GLY A 31 11.53 -13.41 -20.98
CA GLY A 31 12.81 -14.08 -20.88
C GLY A 31 13.38 -14.00 -19.46
N ASP A 32 14.67 -13.65 -19.37
CA ASP A 32 15.33 -13.49 -18.08
C ASP A 32 14.68 -12.39 -17.23
N HIS A 33 13.97 -11.47 -17.88
CA HIS A 33 13.42 -10.32 -17.16
C HIS A 33 12.26 -10.72 -16.26
N VAL A 34 11.69 -11.92 -16.46
CA VAL A 34 10.55 -12.37 -15.70
C VAL A 34 10.86 -13.69 -14.99
N LYS A 35 12.12 -14.09 -14.97
CA LYS A 35 12.48 -15.27 -14.19
C LYS A 35 12.18 -15.02 -12.72
N PRO A 36 11.62 -16.01 -11.99
CA PRO A 36 11.13 -15.79 -10.62
C PRO A 36 12.07 -15.04 -9.70
N LYS A 37 13.32 -15.48 -9.59
CA LYS A 37 14.19 -14.88 -8.61
C LYS A 37 14.41 -13.38 -8.90
N HIS A 38 14.73 -13.04 -10.14
CA HIS A 38 14.97 -11.65 -10.52
C HIS A 38 13.69 -10.82 -10.34
N PHE A 39 12.56 -11.36 -10.77
CA PHE A 39 11.35 -10.55 -10.81
C PHE A 39 10.83 -10.32 -9.39
N ARG A 40 10.89 -11.38 -8.58
CA ARG A 40 10.47 -11.32 -7.19
C ARG A 40 11.33 -10.31 -6.44
N ALA A 41 12.63 -10.28 -6.75
CA ALA A 41 13.51 -9.32 -6.11
C ALA A 41 13.05 -7.90 -6.43
N MET A 42 12.67 -7.67 -7.69
CA MET A 42 12.25 -6.34 -8.13
C MET A 42 10.97 -5.90 -7.42
N ILE A 43 9.98 -6.79 -7.31
CA ILE A 43 8.70 -6.43 -6.72
C ILE A 43 8.86 -6.26 -5.21
N SER A 44 9.62 -7.16 -4.61
CA SER A 44 9.98 -7.11 -3.21
C SER A 44 10.66 -5.78 -2.90
N CYS A 45 11.70 -5.43 -3.66
CA CYS A 45 12.44 -4.22 -3.39
C CYS A 45 11.51 -3.00 -3.54
N ALA A 46 10.65 -3.01 -4.56
CA ALA A 46 9.77 -1.87 -4.80
C ALA A 46 8.82 -1.67 -3.62
N GLU A 47 8.24 -2.77 -3.13
CA GLU A 47 7.37 -2.67 -1.97
C GLU A 47 8.14 -2.23 -0.72
N MET A 48 9.34 -2.79 -0.51
CA MET A 48 10.11 -2.36 0.65
C MET A 48 10.34 -0.85 0.58
N CYS A 49 10.72 -0.32 -0.60
CA CYS A 49 11.05 1.10 -0.70
C CYS A 49 9.80 1.97 -0.47
N ARG A 50 8.65 1.50 -0.95
CA ARG A 50 7.40 2.23 -0.79
C ARG A 50 6.96 2.14 0.68
N ASN A 51 7.13 0.98 1.31
CA ASN A 51 6.77 0.82 2.70
C ASN A 51 7.70 1.65 3.58
N ALA A 52 8.97 1.75 3.22
CA ALA A 52 9.92 2.53 3.99
C ALA A 52 9.55 4.00 3.95
N ALA A 53 9.14 4.48 2.77
CA ALA A 53 8.73 5.87 2.61
C ALA A 53 7.59 6.18 3.58
N HIS A 54 6.60 5.30 3.61
CA HIS A 54 5.41 5.42 4.42
C HIS A 54 5.79 5.54 5.91
N MET A 55 6.64 4.61 6.38
CA MET A 55 7.01 4.56 7.78
C MET A 55 7.77 5.82 8.16
N MET A 56 8.62 6.31 7.25
CA MET A 56 9.34 7.54 7.51
C MET A 56 8.39 8.75 7.56
N LEU A 57 7.44 8.82 6.61
CA LEU A 57 6.55 9.97 6.52
C LEU A 57 5.70 10.13 7.77
N MET A 58 5.37 9.03 8.44
CA MET A 58 4.56 9.09 9.65
C MET A 58 5.43 9.14 10.91
N LYS A 59 6.75 9.30 10.72
CA LYS A 59 7.72 9.32 11.82
C LYS A 59 7.49 8.15 12.75
N SER A 60 7.37 6.95 12.17
CA SER A 60 7.19 5.76 12.96
C SER A 60 8.41 5.51 13.85
N PRO A 61 8.21 4.98 15.08
CA PRO A 61 9.32 4.51 15.91
C PRO A 61 10.26 3.54 15.19
N GLN A 62 9.71 2.68 14.32
CA GLN A 62 10.51 1.66 13.65
C GLN A 62 11.09 2.09 12.30
N ALA A 63 11.01 3.39 11.95
CA ALA A 63 11.44 3.86 10.64
C ALA A 63 12.90 3.54 10.38
N ARG A 64 13.75 3.76 11.37
CA ARG A 64 15.20 3.54 11.28
C ARG A 64 15.48 2.07 11.02
N HIS A 65 14.78 1.18 11.73
CA HIS A 65 15.03 -0.23 11.51
C HIS A 65 14.55 -0.67 10.13
N ILE A 66 13.37 -0.21 9.74
CA ILE A 66 12.79 -0.57 8.46
C ILE A 66 13.74 -0.14 7.33
N CYS A 67 14.30 1.06 7.42
CA CYS A 67 15.24 1.48 6.41
C CYS A 67 16.51 0.61 6.40
N GLU A 68 16.93 0.11 7.56
CA GLU A 68 18.03 -0.83 7.60
C GLU A 68 17.69 -2.03 6.72
N ASP A 69 16.49 -2.57 6.87
CA ASP A 69 16.07 -3.68 6.03
C ASP A 69 15.91 -3.28 4.56
N CYS A 70 15.45 -2.05 4.31
CA CYS A 70 15.33 -1.60 2.95
C CYS A 70 16.69 -1.54 2.27
N ALA A 71 17.73 -1.24 3.04
CA ALA A 71 19.09 -1.20 2.48
C ALA A 71 19.49 -2.60 2.00
N GLU A 72 19.13 -3.64 2.74
CA GLU A 72 19.44 -5.00 2.33
C GLU A 72 18.62 -5.38 1.09
N ALA A 73 17.34 -5.01 1.08
CA ALA A 73 16.47 -5.26 -0.07
C ALA A 73 17.05 -4.61 -1.32
N CYS A 74 17.46 -3.34 -1.21
CA CYS A 74 18.03 -2.59 -2.31
C CYS A 74 19.32 -3.27 -2.79
N GLU A 75 20.19 -3.67 -1.86
CA GLU A 75 21.45 -4.34 -2.21
C GLU A 75 21.15 -5.67 -2.92
N ALA A 76 20.28 -6.50 -2.34
CA ALA A 76 19.94 -7.76 -2.97
C ALA A 76 19.39 -7.53 -4.38
N CYS A 77 18.54 -6.52 -4.55
CA CYS A 77 17.92 -6.29 -5.85
C CYS A 77 18.96 -5.77 -6.84
N ALA A 78 19.91 -4.96 -6.37
CA ALA A 78 20.99 -4.52 -7.26
C ALA A 78 21.76 -5.71 -7.82
N LYS A 79 22.12 -6.68 -6.97
CA LYS A 79 22.84 -7.88 -7.41
C LYS A 79 22.04 -8.60 -8.49
N GLU A 80 20.73 -8.71 -8.30
CA GLU A 80 19.88 -9.44 -9.25
C GLU A 80 19.66 -8.64 -10.53
N CYS A 81 20.11 -7.39 -10.59
CA CYS A 81 19.84 -6.61 -11.79
C CYS A 81 21.14 -6.44 -12.58
N ASP A 82 22.27 -6.79 -11.97
CA ASP A 82 23.60 -6.61 -12.55
C ASP A 82 23.80 -7.50 -13.76
N ALA A 83 23.26 -8.73 -13.73
CA ALA A 83 23.47 -9.72 -14.77
C ALA A 83 22.75 -9.36 -16.06
N LEU A 84 21.73 -8.50 -16.00
CA LEU A 84 20.81 -8.45 -17.11
C LEU A 84 21.08 -7.23 -18.01
N PRO A 85 21.01 -7.43 -19.33
CA PRO A 85 20.97 -6.31 -20.28
C PRO A 85 19.82 -5.38 -19.96
N ASP A 86 20.13 -4.09 -19.97
CA ASP A 86 19.13 -3.04 -19.82
C ASP A 86 18.84 -2.75 -18.35
N MET A 87 19.43 -3.52 -17.41
CA MET A 87 19.03 -3.32 -16.02
C MET A 87 20.09 -2.60 -15.20
N LYS A 88 21.09 -2.02 -15.86
CA LYS A 88 22.24 -1.51 -15.13
C LYS A 88 21.89 -0.18 -14.46
N ASP A 89 20.98 0.58 -15.06
CA ASP A 89 20.47 1.82 -14.47
C ASP A 89 19.68 1.51 -13.19
N CYS A 90 18.84 0.46 -13.27
CA CYS A 90 18.03 0.06 -12.12
C CYS A 90 18.99 -0.33 -10.99
N ALA A 91 20.00 -1.14 -11.29
CA ALA A 91 20.96 -1.61 -10.30
C ALA A 91 21.71 -0.48 -9.62
N ALA A 92 22.07 0.56 -10.39
CA ALA A 92 22.73 1.75 -9.86
C ALA A 92 21.78 2.50 -8.92
N GLN A 93 20.52 2.72 -9.35
CA GLN A 93 19.52 3.36 -8.52
C GLN A 93 19.35 2.60 -7.19
N CYS A 94 19.33 1.26 -7.25
CA CYS A 94 19.14 0.45 -6.06
C CYS A 94 20.33 0.61 -5.11
N ARG A 95 21.54 0.74 -5.67
CA ARG A 95 22.74 0.89 -4.86
C ARG A 95 22.77 2.29 -4.26
N ARG A 96 22.26 3.26 -5.00
CA ARG A 96 22.17 4.62 -4.50
C ARG A 96 21.19 4.66 -3.30
N CYS A 97 19.99 4.09 -3.49
CA CYS A 97 19.01 4.07 -2.42
C CYS A 97 19.55 3.35 -1.19
N ALA A 98 20.20 2.20 -1.39
CA ALA A 98 20.80 1.40 -0.30
C ALA A 98 21.74 2.24 0.56
N GLU A 99 22.48 3.15 -0.08
CA GLU A 99 23.36 4.04 0.65
C GLU A 99 22.54 5.01 1.49
N ALA A 100 21.56 5.68 0.86
CA ALA A 100 20.65 6.60 1.53
C ALA A 100 19.97 5.91 2.71
N CYS A 101 19.42 4.71 2.49
CA CYS A 101 18.80 3.95 3.57
C CYS A 101 19.81 3.80 4.73
N ARG A 102 21.07 3.47 4.43
CA ARG A 102 22.05 3.21 5.48
C ARG A 102 22.45 4.50 6.22
N LYS A 103 22.58 5.61 5.48
CA LYS A 103 22.87 6.89 6.11
C LYS A 103 21.80 7.21 7.13
N MET A 104 20.52 7.29 6.72
CA MET A 104 19.50 7.78 7.62
C MET A 104 19.23 6.77 8.74
N ALA A 105 19.49 5.48 8.49
CA ALA A 105 19.24 4.48 9.54
C ALA A 105 20.21 4.68 10.71
N GLY A 106 21.31 5.41 10.46
CA GLY A 106 22.35 5.63 11.44
C GLY A 106 22.33 7.03 12.03
N GLN A 107 21.28 7.81 11.76
CA GLN A 107 21.13 9.14 12.34
C GLN A 107 19.86 9.15 13.19
N LYS A 108 19.75 10.14 14.07
CA LYS A 108 18.65 10.14 15.03
C LYS A 108 17.88 11.46 14.91
N SER B 1 4.22 -23.16 5.12
CA SER B 1 3.10 -22.52 4.36
C SER B 1 1.76 -23.07 4.86
N LYS B 2 1.78 -23.48 6.14
CA LYS B 2 0.57 -23.60 6.94
C LYS B 2 0.61 -22.58 8.07
N GLU B 3 1.72 -22.55 8.81
CA GLU B 3 2.01 -21.49 9.76
C GLU B 3 2.13 -20.15 9.02
N MET B 4 2.31 -20.24 7.70
CA MET B 4 2.44 -19.09 6.83
C MET B 4 1.05 -18.52 6.51
N GLN B 5 0.10 -19.36 6.07
CA GLN B 5 -1.24 -18.86 5.79
C GLN B 5 -1.87 -18.34 7.08
N SER B 6 -1.38 -18.86 8.20
CA SER B 6 -1.84 -18.43 9.50
C SER B 6 -1.35 -17.01 9.78
N CYS B 7 -0.06 -16.74 9.55
CA CYS B 7 0.52 -15.44 9.79
C CYS B 7 -0.10 -14.41 8.85
N VAL B 8 -0.38 -14.79 7.60
CA VAL B 8 -1.01 -13.91 6.63
C VAL B 8 -2.41 -13.50 7.08
N ASP B 9 -3.20 -14.51 7.45
CA ASP B 9 -4.57 -14.30 7.91
C ASP B 9 -4.57 -13.40 9.15
N GLU B 10 -3.67 -13.69 10.10
CA GLU B 10 -3.54 -12.93 11.33
C GLU B 10 -3.12 -11.49 11.06
N CYS B 11 -2.07 -11.26 10.26
CA CYS B 11 -1.62 -9.92 9.92
C CYS B 11 -2.71 -9.13 9.17
N LEU B 12 -3.48 -9.78 8.29
CA LEU B 12 -4.54 -9.04 7.60
C LEU B 12 -5.69 -8.69 8.55
N ARG B 13 -5.98 -9.58 9.52
CA ARG B 13 -7.02 -9.34 10.50
C ARG B 13 -6.59 -8.16 11.38
N CYS B 14 -5.33 -8.18 11.79
CA CYS B 14 -4.80 -7.16 12.65
C CYS B 14 -4.70 -5.84 11.91
N TYR B 15 -4.35 -5.88 10.62
CA TYR B 15 -4.37 -4.64 9.84
C TYR B 15 -5.78 -4.07 9.90
N GLN B 16 -6.79 -4.92 9.75
CA GLN B 16 -8.17 -4.47 9.68
C GLN B 16 -8.58 -3.82 11.00
N MET B 17 -8.18 -4.48 12.10
CA MET B 17 -8.49 -4.03 13.44
C MET B 17 -7.89 -2.65 13.68
N CYS B 18 -6.57 -2.53 13.55
CA CYS B 18 -5.87 -1.30 13.91
C CYS B 18 -6.21 -0.14 12.95
N PHE B 19 -6.28 -0.42 11.64
CA PHE B 19 -6.56 0.68 10.73
C PHE B 19 -8.03 1.08 10.81
N GLY B 20 -8.91 0.08 10.86
CA GLY B 20 -10.34 0.31 10.94
C GLY B 20 -10.75 1.01 12.23
N MET B 21 -10.17 0.62 13.36
CA MET B 21 -10.45 1.27 14.64
C MET B 21 -9.94 2.71 14.62
N ALA B 22 -8.69 2.92 14.17
CA ALA B 22 -8.13 4.25 14.17
C ALA B 22 -9.02 5.20 13.39
N MET B 23 -9.48 4.77 12.23
CA MET B 23 -10.09 5.73 11.32
C MET B 23 -11.59 5.84 11.58
N THR B 24 -12.13 4.96 12.44
CA THR B 24 -13.55 5.03 12.76
C THR B 24 -13.71 5.38 14.24
N HIS B 25 -13.72 4.36 15.10
CA HIS B 25 -13.90 4.59 16.53
C HIS B 25 -12.97 5.67 17.09
N CYS B 26 -11.64 5.54 16.93
CA CYS B 26 -10.72 6.47 17.57
C CYS B 26 -10.89 7.90 17.03
N LEU B 27 -10.97 8.04 15.71
CA LEU B 27 -11.15 9.35 15.12
C LEU B 27 -12.46 9.96 15.57
N GLU B 28 -13.51 9.14 15.73
CA GLU B 28 -14.83 9.66 16.07
C GLU B 28 -14.90 10.01 17.55
N THR B 29 -14.18 9.29 18.40
CA THR B 29 -14.23 9.55 19.83
C THR B 29 -13.36 10.75 20.19
N GLY B 30 -12.19 10.90 19.54
CA GLY B 30 -11.25 11.94 19.94
C GLY B 30 -10.65 11.67 21.32
N GLY B 31 -10.19 12.73 21.99
CA GLY B 31 -9.59 12.64 23.31
C GLY B 31 -8.30 11.83 23.27
N ASP B 32 -8.17 10.90 24.21
CA ASP B 32 -7.01 10.02 24.29
C ASP B 32 -6.89 9.15 23.03
N HIS B 33 -7.98 8.96 22.29
CA HIS B 33 -7.96 8.07 21.14
C HIS B 33 -7.16 8.64 19.98
N VAL B 34 -6.89 9.96 20.01
CA VAL B 34 -6.18 10.60 18.91
C VAL B 34 -4.93 11.30 19.44
N LYS B 35 -4.51 10.98 20.67
CA LYS B 35 -3.22 11.46 21.13
C LYS B 35 -2.12 10.93 20.22
N PRO B 36 -1.10 11.75 19.83
CA PRO B 36 -0.11 11.34 18.85
C PRO B 36 0.52 9.97 19.08
N LYS B 37 1.01 9.70 20.28
CA LYS B 37 1.74 8.46 20.50
C LYS B 37 0.82 7.25 20.27
N HIS B 38 -0.36 7.26 20.85
CA HIS B 38 -1.31 6.16 20.69
C HIS B 38 -1.71 6.01 19.23
N PHE B 39 -2.02 7.12 18.57
CA PHE B 39 -2.61 7.03 17.24
C PHE B 39 -1.54 6.60 16.24
N ARG B 40 -0.34 7.16 16.39
CA ARG B 40 0.78 6.83 15.52
C ARG B 40 1.12 5.34 15.67
N ALA B 41 1.02 4.83 16.89
CA ALA B 41 1.29 3.40 17.14
C ALA B 41 0.29 2.58 16.33
N MET B 42 -0.98 3.00 16.35
CA MET B 42 -2.03 2.28 15.64
C MET B 42 -1.78 2.25 14.14
N ILE B 43 -1.44 3.39 13.53
CA ILE B 43 -1.29 3.51 12.10
C ILE B 43 -0.02 2.77 11.67
N SER B 44 1.03 2.94 12.47
CA SER B 44 2.29 2.25 12.28
C SER B 44 2.06 0.73 12.29
N CYS B 45 1.41 0.23 13.34
CA CYS B 45 1.17 -1.20 13.44
C CYS B 45 0.36 -1.69 12.25
N ALA B 46 -0.69 -0.93 11.86
CA ALA B 46 -1.54 -1.36 10.76
C ALA B 46 -0.75 -1.50 9.46
N GLU B 47 0.12 -0.53 9.17
CA GLU B 47 0.93 -0.59 7.98
C GLU B 47 1.95 -1.72 8.08
N MET B 48 2.57 -1.92 9.26
CA MET B 48 3.49 -3.04 9.40
C MET B 48 2.78 -4.34 9.08
N CYS B 49 1.57 -4.53 9.63
CA CYS B 49 0.87 -5.81 9.45
C CYS B 49 0.46 -6.02 7.99
N ARG B 50 0.09 -4.92 7.32
CA ARG B 50 -0.31 -5.06 5.93
C ARG B 50 0.92 -5.25 5.05
N ASN B 51 2.02 -4.61 5.40
CA ASN B 51 3.24 -4.79 4.65
C ASN B 51 3.76 -6.22 4.83
N ALA B 52 3.64 -6.74 6.05
CA ALA B 52 4.10 -8.10 6.33
C ALA B 52 3.29 -9.09 5.51
N ALA B 53 1.97 -8.88 5.42
CA ALA B 53 1.12 -9.77 4.63
C ALA B 53 1.61 -9.86 3.19
N HIS B 54 1.85 -8.69 2.60
CA HIS B 54 2.31 -8.55 1.23
C HIS B 54 3.62 -9.31 1.00
N MET B 55 4.61 -9.09 1.88
CA MET B 55 5.92 -9.69 1.72
C MET B 55 5.82 -11.21 1.85
N MET B 56 4.93 -11.70 2.73
CA MET B 56 4.72 -13.12 2.85
C MET B 56 4.05 -13.67 1.60
N LEU B 57 3.01 -12.98 1.08
CA LEU B 57 2.25 -13.47 -0.05
C LEU B 57 3.12 -13.65 -1.28
N MET B 58 4.19 -12.84 -1.42
CA MET B 58 5.04 -12.92 -2.59
C MET B 58 6.27 -13.78 -2.30
N LYS B 59 6.26 -14.48 -1.16
CA LYS B 59 7.37 -15.31 -0.70
C LYS B 59 8.68 -14.53 -0.78
N SER B 60 8.69 -13.31 -0.28
CA SER B 60 9.91 -12.52 -0.27
C SER B 60 10.98 -13.18 0.61
N PRO B 61 12.27 -13.12 0.19
CA PRO B 61 13.36 -13.58 1.05
C PRO B 61 13.34 -12.97 2.45
N GLN B 62 12.90 -11.71 2.58
CA GLN B 62 12.96 -10.99 3.86
C GLN B 62 11.69 -11.14 4.71
N ALA B 63 10.76 -12.01 4.31
CA ALA B 63 9.49 -12.14 5.00
C ALA B 63 9.68 -12.50 6.48
N ARG B 64 10.61 -13.42 6.77
CA ARG B 64 10.89 -13.85 8.13
C ARG B 64 11.35 -12.69 9.00
N HIS B 65 12.26 -11.88 8.47
CA HIS B 65 12.75 -10.76 9.24
C HIS B 65 11.67 -9.70 9.45
N ILE B 66 10.91 -9.40 8.38
CA ILE B 66 9.86 -8.42 8.45
C ILE B 66 8.83 -8.82 9.52
N CYS B 67 8.46 -10.10 9.56
CA CYS B 67 7.54 -10.54 10.58
C CYS B 67 8.11 -10.43 11.99
N GLU B 68 9.43 -10.61 12.12
CA GLU B 68 10.07 -10.39 13.40
C GLU B 68 9.77 -8.95 13.85
N ASP B 69 9.95 -7.98 12.95
CA ASP B 69 9.66 -6.61 13.29
C ASP B 69 8.17 -6.37 13.51
N CYS B 70 7.33 -7.06 12.74
CA CYS B 70 5.90 -6.92 12.92
C CYS B 70 5.48 -7.38 14.33
N ALA B 71 6.20 -8.36 14.88
CA ALA B 71 5.89 -8.85 16.21
C ALA B 71 6.12 -7.74 17.23
N GLU B 72 7.20 -6.99 17.05
CA GLU B 72 7.52 -5.91 17.96
C GLU B 72 6.50 -4.76 17.79
N ALA B 73 6.14 -4.45 16.55
CA ALA B 73 5.13 -3.44 16.26
C ALA B 73 3.82 -3.79 16.97
N CYS B 74 3.38 -5.05 16.83
CA CYS B 74 2.14 -5.55 17.43
C CYS B 74 2.22 -5.42 18.95
N GLU B 75 3.36 -5.84 19.56
CA GLU B 75 3.54 -5.76 21.01
C GLU B 75 3.48 -4.30 21.46
N ALA B 76 4.25 -3.43 20.82
CA ALA B 76 4.23 -2.02 21.19
C ALA B 76 2.81 -1.45 21.09
N CYS B 77 2.07 -1.81 20.03
CA CYS B 77 0.75 -1.22 19.83
C CYS B 77 -0.22 -1.78 20.88
N ALA B 78 -0.05 -3.06 21.27
CA ALA B 78 -0.89 -3.62 22.33
C ALA B 78 -0.74 -2.81 23.63
N LYS B 79 0.52 -2.51 24.02
CA LYS B 79 0.78 -1.71 25.21
C LYS B 79 0.06 -0.37 25.12
N GLU B 80 0.10 0.28 23.94
CA GLU B 80 -0.51 1.59 23.78
C GLU B 80 -2.03 1.52 23.72
N CYS B 81 -2.61 0.31 23.69
CA CYS B 81 -4.07 0.23 23.56
C CYS B 81 -4.70 -0.25 24.88
N ASP B 82 -3.83 -0.62 25.83
CA ASP B 82 -4.22 -1.22 27.08
C ASP B 82 -4.98 -0.24 27.97
N ALA B 83 -4.57 1.02 27.95
CA ALA B 83 -5.09 2.01 28.88
C ALA B 83 -6.52 2.41 28.52
N LEU B 84 -6.96 2.16 27.29
CA LEU B 84 -8.32 2.62 26.95
C LEU B 84 -9.28 1.44 26.97
N PRO B 85 -10.44 1.58 27.67
CA PRO B 85 -11.33 0.45 27.88
C PRO B 85 -11.89 -0.03 26.55
N ASP B 86 -12.16 0.90 25.60
CA ASP B 86 -12.78 0.55 24.34
C ASP B 86 -11.81 -0.09 23.36
N MET B 87 -10.53 -0.18 23.72
CA MET B 87 -9.51 -0.68 22.80
C MET B 87 -9.04 -2.07 23.23
N LYS B 88 -9.83 -2.77 24.06
CA LYS B 88 -9.36 -3.99 24.69
C LYS B 88 -9.28 -5.11 23.67
N ASP B 89 -10.24 -5.13 22.74
CA ASP B 89 -10.27 -6.10 21.66
C ASP B 89 -9.09 -5.88 20.72
N CYS B 90 -8.80 -4.61 20.40
CA CYS B 90 -7.65 -4.29 19.56
C CYS B 90 -6.37 -4.83 20.19
N ALA B 91 -6.17 -4.56 21.49
CA ALA B 91 -4.96 -4.94 22.20
C ALA B 91 -4.78 -6.46 22.22
N ALA B 92 -5.89 -7.19 22.37
CA ALA B 92 -5.87 -8.65 22.35
C ALA B 92 -5.47 -9.15 20.95
N GLN B 93 -6.12 -8.59 19.92
CA GLN B 93 -5.78 -8.92 18.54
C GLN B 93 -4.29 -8.67 18.27
N CYS B 94 -3.74 -7.56 18.77
CA CYS B 94 -2.34 -7.24 18.54
C CYS B 94 -1.44 -8.28 19.21
N ARG B 95 -1.84 -8.76 20.40
CA ARG B 95 -1.06 -9.75 21.14
C ARG B 95 -1.14 -11.09 20.42
N ARG B 96 -2.30 -11.38 19.84
CA ARG B 96 -2.49 -12.61 19.09
C ARG B 96 -1.61 -12.58 17.84
N CYS B 97 -1.67 -11.47 17.08
CA CYS B 97 -0.84 -11.35 15.88
C CYS B 97 0.65 -11.46 16.21
N ALA B 98 1.09 -10.79 17.28
CA ALA B 98 2.48 -10.82 17.72
C ALA B 98 2.97 -12.24 17.94
N GLU B 99 2.08 -13.11 18.45
CA GLU B 99 2.44 -14.51 18.67
C GLU B 99 2.64 -15.21 17.32
N ALA B 100 1.65 -15.04 16.42
CA ALA B 100 1.69 -15.58 15.07
C ALA B 100 2.96 -15.11 14.35
N CYS B 101 3.23 -13.80 14.40
CA CYS B 101 4.43 -13.25 13.81
C CYS B 101 5.66 -14.00 14.33
N ARG B 102 5.72 -14.26 15.65
CA ARG B 102 6.90 -14.86 16.25
C ARG B 102 7.06 -16.33 15.84
N LYS B 103 5.94 -17.06 15.78
CA LYS B 103 5.99 -18.44 15.34
C LYS B 103 6.62 -18.49 13.94
N MET B 104 6.02 -17.81 12.95
CA MET B 104 6.45 -17.97 11.57
C MET B 104 7.85 -17.39 11.36
N ALA B 105 8.25 -16.39 12.16
CA ALA B 105 9.56 -15.79 11.97
C ALA B 105 10.65 -16.79 12.35
N GLY B 106 10.28 -17.83 13.11
CA GLY B 106 11.23 -18.83 13.57
C GLY B 106 11.14 -20.17 12.81
N GLN B 107 10.72 -20.12 11.54
CA GLN B 107 10.58 -21.34 10.74
C GLN B 107 11.40 -21.25 9.46
N SER C 1 -23.03 -2.15 7.41
CA SER C 1 -21.91 -2.49 8.29
C SER C 1 -21.87 -4.00 8.53
N LYS C 2 -22.70 -4.75 7.78
CA LYS C 2 -22.61 -6.19 7.71
C LYS C 2 -22.25 -6.58 6.28
N GLU C 3 -22.97 -6.04 5.30
CA GLU C 3 -22.63 -6.09 3.89
C GLU C 3 -21.28 -5.42 3.67
N MET C 4 -20.87 -4.60 4.64
CA MET C 4 -19.62 -3.86 4.61
C MET C 4 -18.45 -4.76 5.00
N GLN C 5 -18.57 -5.45 6.14
CA GLN C 5 -17.51 -6.36 6.57
C GLN C 5 -17.39 -7.49 5.55
N SER C 6 -18.48 -7.74 4.83
CA SER C 6 -18.51 -8.75 3.80
C SER C 6 -17.66 -8.31 2.62
N CYS C 7 -17.85 -7.07 2.16
CA CYS C 7 -17.12 -6.56 1.01
C CYS C 7 -15.62 -6.46 1.36
N VAL C 8 -15.30 -6.05 2.60
CA VAL C 8 -13.91 -5.96 3.04
C VAL C 8 -13.24 -7.34 3.03
N ASP C 9 -13.91 -8.32 3.63
CA ASP C 9 -13.43 -9.69 3.70
C ASP C 9 -13.21 -10.27 2.29
N GLU C 10 -14.18 -10.04 1.40
CA GLU C 10 -14.13 -10.49 0.03
C GLU C 10 -12.98 -9.86 -0.75
N CYS C 11 -12.85 -8.52 -0.70
CA CYS C 11 -11.77 -7.83 -1.38
C CYS C 11 -10.40 -8.24 -0.81
N LEU C 12 -10.28 -8.50 0.50
CA LEU C 12 -8.99 -8.92 1.04
C LEU C 12 -8.66 -10.34 0.59
N ARG C 13 -9.68 -11.20 0.50
CA ARG C 13 -9.50 -12.58 0.06
C ARG C 13 -9.03 -12.56 -1.39
N CYS C 14 -9.69 -11.73 -2.18
CA CYS C 14 -9.38 -11.63 -3.59
C CYS C 14 -8.01 -11.00 -3.79
N TYR C 15 -7.65 -10.02 -2.98
CA TYR C 15 -6.28 -9.50 -3.05
C TYR C 15 -5.29 -10.65 -2.84
N GLN C 16 -5.58 -11.50 -1.86
CA GLN C 16 -4.65 -12.57 -1.51
C GLN C 16 -4.53 -13.56 -2.67
N MET C 17 -5.68 -13.89 -3.27
CA MET C 17 -5.77 -14.81 -4.40
C MET C 17 -4.93 -14.27 -5.57
N CYS C 18 -5.25 -13.08 -6.05
CA CYS C 18 -4.63 -12.53 -7.25
C CYS C 18 -3.15 -12.19 -7.05
N PHE C 19 -2.79 -11.61 -5.92
CA PHE C 19 -1.40 -11.23 -5.72
C PHE C 19 -0.56 -12.46 -5.40
N GLY C 20 -1.10 -13.34 -4.53
CA GLY C 20 -0.41 -14.57 -4.17
C GLY C 20 -0.23 -15.52 -5.36
N MET C 21 -1.24 -15.65 -6.23
CA MET C 21 -1.12 -16.49 -7.40
C MET C 21 -0.11 -15.90 -8.39
N ALA C 22 -0.21 -14.60 -8.64
CA ALA C 22 0.70 -13.95 -9.58
C ALA C 22 2.14 -14.21 -9.17
N MET C 23 2.45 -14.04 -7.89
CA MET C 23 3.84 -13.98 -7.48
C MET C 23 4.37 -15.36 -7.14
N THR C 24 3.47 -16.36 -7.09
CA THR C 24 3.92 -17.72 -6.84
C THR C 24 3.66 -18.57 -8.09
N HIS C 25 2.47 -19.15 -8.19
CA HIS C 25 2.14 -20.03 -9.30
C HIS C 25 2.45 -19.42 -10.67
N CYS C 26 1.92 -18.24 -10.98
CA CYS C 26 2.10 -17.66 -12.31
C CYS C 26 3.57 -17.38 -12.62
N LEU C 27 4.25 -16.71 -11.69
CA LEU C 27 5.66 -16.40 -11.89
C LEU C 27 6.47 -17.71 -12.04
N GLU C 28 6.10 -18.76 -11.31
CA GLU C 28 6.88 -19.98 -11.32
C GLU C 28 6.60 -20.79 -12.58
N THR C 29 5.38 -20.71 -13.12
CA THR C 29 5.04 -21.45 -14.32
C THR C 29 5.58 -20.76 -15.56
N GLY C 30 5.52 -19.43 -15.61
CA GLY C 30 5.89 -18.74 -16.84
C GLY C 30 4.86 -18.97 -17.95
N GLY C 31 5.29 -18.79 -19.20
CA GLY C 31 4.45 -19.01 -20.35
C GLY C 31 3.29 -18.02 -20.39
N ASP C 32 2.09 -18.53 -20.65
CA ASP C 32 0.87 -17.73 -20.64
C ASP C 32 0.67 -16.98 -19.32
N HIS C 33 1.23 -17.54 -18.23
CA HIS C 33 0.94 -17.01 -16.91
C HIS C 33 1.60 -15.67 -16.68
N VAL C 34 2.57 -15.29 -17.53
CA VAL C 34 3.32 -14.05 -17.34
C VAL C 34 3.23 -13.22 -18.61
N LYS C 35 2.32 -13.55 -19.52
CA LYS C 35 2.09 -12.67 -20.66
C LYS C 35 1.59 -11.33 -20.14
N PRO C 36 2.07 -10.19 -20.68
CA PRO C 36 1.79 -8.88 -20.11
C PRO C 36 0.32 -8.61 -19.78
N LYS C 37 -0.59 -8.85 -20.72
CA LYS C 37 -1.98 -8.48 -20.48
C LYS C 37 -2.56 -9.27 -19.31
N HIS C 38 -2.36 -10.58 -19.28
CA HIS C 38 -2.89 -11.40 -18.20
C HIS C 38 -2.25 -11.00 -16.87
N PHE C 39 -0.93 -10.80 -16.87
CA PHE C 39 -0.24 -10.60 -15.60
C PHE C 39 -0.58 -9.22 -15.04
N ARG C 40 -0.62 -8.23 -15.92
CA ARG C 40 -0.98 -6.86 -15.56
C ARG C 40 -2.39 -6.83 -14.99
N ALA C 41 -3.28 -7.62 -15.57
CA ALA C 41 -4.66 -7.69 -15.08
C ALA C 41 -4.65 -8.20 -13.65
N MET C 42 -3.85 -9.24 -13.39
CA MET C 42 -3.78 -9.83 -12.06
C MET C 42 -3.24 -8.85 -11.02
N ILE C 43 -2.17 -8.11 -11.34
CA ILE C 43 -1.54 -7.20 -10.39
C ILE C 43 -2.46 -5.99 -10.16
N SER C 44 -3.04 -5.51 -11.25
CA SER C 44 -4.00 -4.43 -11.22
C SER C 44 -5.19 -4.81 -10.34
N CYS C 45 -5.78 -5.98 -10.57
CA CYS C 45 -6.94 -6.39 -9.80
C CYS C 45 -6.57 -6.52 -8.33
N ALA C 46 -5.37 -7.06 -8.04
CA ALA C 46 -4.96 -7.25 -6.66
C ALA C 46 -4.85 -5.92 -5.93
N GLU C 47 -4.24 -4.93 -6.59
CA GLU C 47 -4.10 -3.63 -5.99
C GLU C 47 -5.48 -2.95 -5.86
N MET C 48 -6.35 -3.09 -6.85
CA MET C 48 -7.68 -2.51 -6.73
C MET C 48 -8.38 -3.09 -5.52
N CYS C 49 -8.31 -4.41 -5.32
CA CYS C 49 -9.02 -5.05 -4.22
C CYS C 49 -8.43 -4.62 -2.87
N ARG C 50 -7.11 -4.44 -2.82
CA ARG C 50 -6.46 -4.04 -1.60
C ARG C 50 -6.75 -2.56 -1.32
N ASN C 51 -6.78 -1.76 -2.37
CA ASN C 51 -7.07 -0.34 -2.22
C ASN C 51 -8.54 -0.16 -1.81
N ALA C 52 -9.43 -1.00 -2.34
CA ALA C 52 -10.84 -0.91 -2.00
C ALA C 52 -11.04 -1.24 -0.52
N ALA C 53 -10.32 -2.27 -0.03
CA ALA C 53 -10.43 -2.67 1.36
C ALA C 53 -10.08 -1.49 2.26
N HIS C 54 -8.97 -0.83 1.94
CA HIS C 54 -8.44 0.30 2.68
C HIS C 54 -9.47 1.43 2.75
N MET C 55 -10.02 1.80 1.59
CA MET C 55 -10.94 2.92 1.51
C MET C 55 -12.21 2.61 2.29
N MET C 56 -12.65 1.33 2.25
CA MET C 56 -13.81 0.93 3.03
C MET C 56 -13.51 1.01 4.54
N LEU C 57 -12.33 0.50 4.94
CA LEU C 57 -12.00 0.42 6.37
C LEU C 57 -11.97 1.80 7.00
N MET C 58 -11.61 2.84 6.24
CA MET C 58 -11.52 4.18 6.78
C MET C 58 -12.81 4.97 6.55
N LYS C 59 -13.87 4.27 6.08
CA LYS C 59 -15.14 4.89 5.74
C LYS C 59 -14.91 6.10 4.85
N SER C 60 -14.12 5.95 3.80
CA SER C 60 -13.87 7.05 2.89
C SER C 60 -15.15 7.46 2.18
N PRO C 61 -15.36 8.77 1.91
CA PRO C 61 -16.46 9.22 1.08
C PRO C 61 -16.56 8.49 -0.26
N GLN C 62 -15.41 8.13 -0.86
CA GLN C 62 -15.37 7.54 -2.19
C GLN C 62 -15.42 6.01 -2.18
N ALA C 63 -15.65 5.38 -1.03
CA ALA C 63 -15.56 3.93 -0.92
C ALA C 63 -16.53 3.24 -1.88
N ARG C 64 -17.77 3.75 -1.97
CA ARG C 64 -18.79 3.15 -2.80
C ARG C 64 -18.41 3.24 -4.27
N HIS C 65 -17.87 4.38 -4.69
CA HIS C 65 -17.45 4.51 -6.07
C HIS C 65 -16.25 3.59 -6.38
N ILE C 66 -15.28 3.55 -5.47
CA ILE C 66 -14.09 2.73 -5.65
C ILE C 66 -14.50 1.27 -5.79
N CYS C 67 -15.44 0.80 -4.98
CA CYS C 67 -15.90 -0.56 -5.14
C CYS C 67 -16.59 -0.80 -6.48
N GLU C 68 -17.28 0.22 -7.01
CA GLU C 68 -17.85 0.12 -8.33
C GLU C 68 -16.72 -0.21 -9.34
N ASP C 69 -15.62 0.53 -9.25
CA ASP C 69 -14.49 0.27 -10.12
C ASP C 69 -13.84 -1.08 -9.83
N CYS C 70 -13.80 -1.48 -8.55
CA CYS C 70 -13.22 -2.76 -8.21
C CYS C 70 -14.03 -3.89 -8.85
N ALA C 71 -15.34 -3.70 -8.99
CA ALA C 71 -16.19 -4.72 -9.61
C ALA C 71 -15.78 -4.92 -11.07
N GLU C 72 -15.48 -3.82 -11.77
CA GLU C 72 -15.04 -3.91 -13.16
C GLU C 72 -13.65 -4.58 -13.23
N ALA C 73 -12.74 -4.19 -12.34
CA ALA C 73 -11.41 -4.78 -12.27
C ALA C 73 -11.52 -6.30 -12.08
N CYS C 74 -12.36 -6.73 -11.13
CA CYS C 74 -12.57 -8.13 -10.82
C CYS C 74 -13.12 -8.87 -12.05
N GLU C 75 -14.13 -8.28 -12.72
CA GLU C 75 -14.74 -8.89 -13.89
C GLU C 75 -13.69 -9.03 -15.00
N ALA C 76 -12.97 -7.94 -15.30
CA ALA C 76 -11.95 -7.99 -16.33
C ALA C 76 -10.92 -9.07 -16.01
N CYS C 77 -10.51 -9.17 -14.74
CA CYS C 77 -9.46 -10.11 -14.38
C CYS C 77 -9.99 -11.54 -14.48
N ALA C 78 -11.28 -11.74 -14.14
CA ALA C 78 -11.85 -13.08 -14.27
C ALA C 78 -11.75 -13.56 -15.72
N LYS C 79 -12.11 -12.68 -16.68
CA LYS C 79 -12.04 -13.02 -18.09
C LYS C 79 -10.63 -13.45 -18.47
N GLU C 80 -9.63 -12.70 -17.99
CA GLU C 80 -8.24 -12.98 -18.29
C GLU C 80 -7.73 -14.26 -17.62
N CYS C 81 -8.51 -14.85 -16.71
CA CYS C 81 -8.00 -15.99 -15.98
C CYS C 81 -8.70 -17.27 -16.42
N ASP C 82 -9.75 -17.10 -17.23
CA ASP C 82 -10.62 -18.19 -17.66
C ASP C 82 -9.87 -19.20 -18.53
N ALA C 83 -9.02 -18.69 -19.41
CA ALA C 83 -8.35 -19.50 -20.42
C ALA C 83 -7.28 -20.40 -19.81
N LEU C 84 -6.81 -20.10 -18.61
CA LEU C 84 -5.52 -20.60 -18.17
C LEU C 84 -5.69 -21.79 -17.23
N PRO C 85 -4.88 -22.84 -17.43
CA PRO C 85 -4.88 -23.99 -16.52
C PRO C 85 -4.53 -23.52 -15.12
N ASP C 86 -5.29 -24.02 -14.14
CA ASP C 86 -5.00 -23.80 -12.74
C ASP C 86 -5.47 -22.42 -12.27
N MET C 87 -6.11 -21.63 -13.13
CA MET C 87 -6.54 -20.29 -12.73
C MET C 87 -8.05 -20.26 -12.55
N LYS C 88 -8.71 -21.42 -12.47
CA LYS C 88 -10.17 -21.44 -12.49
C LYS C 88 -10.71 -20.99 -11.14
N ASP C 89 -9.99 -21.33 -10.07
CA ASP C 89 -10.33 -20.88 -8.72
C ASP C 89 -10.19 -19.36 -8.63
N CYS C 90 -9.10 -18.82 -9.17
CA CYS C 90 -8.87 -17.39 -9.17
C CYS C 90 -10.03 -16.69 -9.85
N ALA C 91 -10.41 -17.18 -11.04
CA ALA C 91 -11.47 -16.57 -11.84
C ALA C 91 -12.81 -16.57 -11.11
N ALA C 92 -13.09 -17.66 -10.39
CA ALA C 92 -14.31 -17.78 -9.60
C ALA C 92 -14.30 -16.75 -8.46
N GLN C 93 -13.18 -16.70 -7.73
CA GLN C 93 -12.99 -15.72 -6.66
C GLN C 93 -13.21 -14.30 -7.20
N CYS C 94 -12.67 -13.99 -8.38
CA CYS C 94 -12.79 -12.64 -8.93
C CYS C 94 -14.26 -12.33 -9.24
N ARG C 95 -15.01 -13.33 -9.73
CA ARG C 95 -16.42 -13.15 -10.06
C ARG C 95 -17.23 -13.01 -8.78
N ARG C 96 -16.82 -13.73 -7.74
CA ARG C 96 -17.47 -13.63 -6.45
C ARG C 96 -17.26 -12.22 -5.88
N CYS C 97 -16.01 -11.76 -5.86
CA CYS C 97 -15.70 -10.43 -5.35
C CYS C 97 -16.47 -9.36 -6.12
N ALA C 98 -16.51 -9.47 -7.45
CA ALA C 98 -17.21 -8.52 -8.32
C ALA C 98 -18.68 -8.37 -7.90
N GLU C 99 -19.29 -9.48 -7.48
CA GLU C 99 -20.67 -9.45 -7.02
C GLU C 99 -20.77 -8.69 -5.71
N ALA C 100 -19.90 -9.05 -4.74
CA ALA C 100 -19.82 -8.37 -3.45
C ALA C 100 -19.59 -6.87 -3.65
N CYS C 101 -18.62 -6.51 -4.49
CA CYS C 101 -18.37 -5.11 -4.80
C CYS C 101 -19.67 -4.44 -5.25
N ARG C 102 -20.44 -5.10 -6.14
CA ARG C 102 -21.62 -4.48 -6.73
C ARG C 102 -22.75 -4.33 -5.70
N LYS C 103 -22.91 -5.32 -4.83
CA LYS C 103 -23.91 -5.21 -3.78
C LYS C 103 -23.63 -3.98 -2.93
N MET C 104 -22.43 -3.89 -2.33
CA MET C 104 -22.18 -2.82 -1.37
C MET C 104 -22.13 -1.46 -2.06
N ALA C 105 -21.77 -1.41 -3.34
CA ALA C 105 -21.66 -0.14 -4.03
C ALA C 105 -23.05 0.47 -4.20
N GLY C 106 -24.09 -0.37 -4.07
CA GLY C 106 -25.46 0.06 -4.31
C GLY C 106 -26.27 0.23 -3.03
N GLN C 107 -25.60 0.17 -1.86
CA GLN C 107 -26.28 0.38 -0.59
C GLN C 107 -25.63 1.52 0.19
N LYS C 108 -26.12 1.76 1.40
CA LYS C 108 -25.57 2.77 2.29
C LYS C 108 -25.07 2.09 3.56
N SER D 1 5.63 8.02 -21.16
CA SER D 1 5.61 9.33 -21.87
C SER D 1 5.99 10.45 -20.89
N LYS D 2 5.36 11.64 -21.05
CA LYS D 2 5.83 12.84 -20.37
C LYS D 2 4.76 13.34 -19.41
N GLU D 3 3.55 13.52 -19.91
CA GLU D 3 2.43 13.94 -19.08
C GLU D 3 2.12 12.86 -18.05
N MET D 4 2.65 11.65 -18.32
CA MET D 4 2.43 10.51 -17.45
C MET D 4 3.40 10.57 -16.27
N GLN D 5 4.70 10.76 -16.53
CA GLN D 5 5.67 10.86 -15.45
C GLN D 5 5.36 12.11 -14.63
N SER D 6 4.68 13.07 -15.23
CA SER D 6 4.26 14.27 -14.56
C SER D 6 3.17 13.97 -13.54
N CYS D 7 2.16 13.20 -13.97
CA CYS D 7 1.05 12.85 -13.10
C CYS D 7 1.56 11.98 -11.94
N VAL D 8 2.49 11.06 -12.23
CA VAL D 8 3.08 10.19 -11.23
C VAL D 8 3.84 10.99 -10.17
N ASP D 9 4.70 11.90 -10.63
CA ASP D 9 5.51 12.75 -9.77
C ASP D 9 4.60 13.61 -8.88
N GLU D 10 3.57 14.20 -9.49
CA GLU D 10 2.61 15.03 -8.78
C GLU D 10 1.83 14.23 -7.72
N CYS D 11 1.27 13.07 -8.09
CA CYS D 11 0.54 12.23 -7.16
C CYS D 11 1.45 11.73 -6.01
N LEU D 12 2.72 11.42 -6.28
CA LEU D 12 3.59 11.00 -5.20
C LEU D 12 3.95 12.18 -4.28
N ARG D 13 4.10 13.37 -4.83
CA ARG D 13 4.38 14.56 -4.06
C ARG D 13 3.17 14.87 -3.16
N CYS D 14 1.99 14.75 -3.73
CA CYS D 14 0.78 15.02 -3.00
C CYS D 14 0.52 13.95 -1.95
N TYR D 15 0.83 12.69 -2.27
CA TYR D 15 0.77 11.66 -1.24
C TYR D 15 1.65 12.08 -0.06
N GLN D 16 2.85 12.58 -0.36
CA GLN D 16 3.81 12.91 0.69
C GLN D 16 3.28 14.03 1.57
N MET D 17 2.72 15.04 0.89
CA MET D 17 2.17 16.22 1.55
C MET D 17 1.04 15.79 2.50
N CYS D 18 0.01 15.15 1.98
CA CYS D 18 -1.18 14.84 2.75
C CYS D 18 -0.91 13.80 3.85
N PHE D 19 -0.15 12.74 3.54
CA PHE D 19 0.07 11.73 4.55
C PHE D 19 1.05 12.23 5.61
N GLY D 20 2.13 12.90 5.15
CA GLY D 20 3.13 13.44 6.06
C GLY D 20 2.57 14.55 6.96
N MET D 21 1.74 15.45 6.41
CA MET D 21 1.09 16.48 7.22
C MET D 21 0.13 15.86 8.24
N ALA D 22 -0.71 14.94 7.79
CA ALA D 22 -1.68 14.32 8.69
C ALA D 22 -0.96 13.72 9.90
N MET D 23 0.12 13.00 9.66
CA MET D 23 0.67 12.16 10.71
C MET D 23 1.69 12.92 11.52
N THR D 24 2.05 14.12 11.08
CA THR D 24 2.98 14.94 11.85
C THR D 24 2.24 16.19 12.35
N HIS D 25 2.23 17.24 11.55
CA HIS D 25 1.62 18.49 11.97
C HIS D 25 0.18 18.33 12.51
N CYS D 26 -0.73 17.73 11.74
CA CYS D 26 -2.12 17.63 12.16
C CYS D 26 -2.28 16.81 13.44
N LEU D 27 -1.66 15.64 13.49
CA LEU D 27 -1.74 14.78 14.67
C LEU D 27 -1.13 15.51 15.87
N GLU D 28 -0.08 16.29 15.65
CA GLU D 28 0.61 16.92 16.77
C GLU D 28 -0.16 18.14 17.26
N THR D 29 -0.87 18.83 16.36
CA THR D 29 -1.63 20.02 16.75
C THR D 29 -2.93 19.61 17.45
N GLY D 30 -3.60 18.57 16.94
CA GLY D 30 -4.92 18.24 17.44
C GLY D 30 -5.95 19.30 17.02
N GLY D 31 -7.05 19.40 17.78
CA GLY D 31 -8.10 20.37 17.52
C GLY D 31 -8.76 20.12 16.17
N ASP D 32 -8.94 21.19 15.39
CA ASP D 32 -9.54 21.11 14.06
C ASP D 32 -8.76 20.14 13.15
N HIS D 33 -7.46 19.94 13.45
CA HIS D 33 -6.60 19.20 12.54
C HIS D 33 -6.93 17.70 12.56
N VAL D 34 -7.66 17.24 13.57
CA VAL D 34 -7.96 15.82 13.74
C VAL D 34 -9.46 15.61 13.83
N LYS D 35 -10.25 16.64 13.48
CA LYS D 35 -11.69 16.43 13.35
C LYS D 35 -11.93 15.39 12.26
N PRO D 36 -12.87 14.42 12.45
CA PRO D 36 -13.01 13.27 11.55
C PRO D 36 -13.07 13.63 10.07
N LYS D 37 -13.95 14.56 9.69
CA LYS D 37 -14.13 14.84 8.28
C LYS D 37 -12.83 15.34 7.65
N HIS D 38 -12.17 16.32 8.28
CA HIS D 38 -10.92 16.86 7.73
C HIS D 38 -9.85 15.78 7.67
N PHE D 39 -9.71 15.00 8.74
CA PHE D 39 -8.59 14.08 8.83
C PHE D 39 -8.80 12.92 7.86
N ARG D 40 -10.04 12.43 7.78
CA ARG D 40 -10.41 11.35 6.88
C ARG D 40 -10.17 11.78 5.44
N ALA D 41 -10.45 13.04 5.13
CA ALA D 41 -10.21 13.56 3.80
C ALA D 41 -8.74 13.50 3.48
N MET D 42 -7.90 13.88 4.43
CA MET D 42 -6.45 13.86 4.24
C MET D 42 -5.92 12.44 3.98
N ILE D 43 -6.38 11.46 4.77
CA ILE D 43 -5.87 10.10 4.67
C ILE D 43 -6.37 9.46 3.39
N SER D 44 -7.64 9.72 3.11
CA SER D 44 -8.29 9.26 1.90
C SER D 44 -7.54 9.82 0.69
N CYS D 45 -7.33 11.13 0.64
CA CYS D 45 -6.66 11.73 -0.50
C CYS D 45 -5.26 11.16 -0.65
N ALA D 46 -4.54 10.96 0.46
CA ALA D 46 -3.17 10.46 0.38
C ALA D 46 -3.15 9.06 -0.23
N GLU D 47 -4.07 8.20 0.18
CA GLU D 47 -4.14 6.86 -0.35
C GLU D 47 -4.58 6.90 -1.82
N MET D 48 -5.55 7.75 -2.16
CA MET D 48 -5.94 7.86 -3.57
C MET D 48 -4.72 8.24 -4.41
N CYS D 49 -3.93 9.21 -3.96
CA CYS D 49 -2.81 9.68 -4.76
C CYS D 49 -1.73 8.60 -4.90
N ARG D 50 -1.54 7.83 -3.83
CA ARG D 50 -0.54 6.79 -3.84
C ARG D 50 -1.03 5.62 -4.70
N ASN D 51 -2.32 5.32 -4.61
CA ASN D 51 -2.88 4.25 -5.42
C ASN D 51 -2.87 4.64 -6.89
N ALA D 52 -3.11 5.91 -7.19
CA ALA D 52 -3.11 6.36 -8.58
C ALA D 52 -1.71 6.22 -9.15
N ALA D 53 -0.68 6.58 -8.37
CA ALA D 53 0.69 6.47 -8.84
C ALA D 53 1.00 5.03 -9.25
N HIS D 54 0.62 4.09 -8.38
CA HIS D 54 0.81 2.67 -8.59
C HIS D 54 0.15 2.20 -9.89
N MET D 55 -1.13 2.55 -10.09
CA MET D 55 -1.89 2.09 -11.23
C MET D 55 -1.28 2.68 -12.51
N MET D 56 -0.78 3.93 -12.45
CA MET D 56 -0.13 4.52 -13.60
C MET D 56 1.19 3.82 -13.89
N LEU D 57 1.99 3.54 -12.84
CA LEU D 57 3.32 2.98 -13.03
C LEU D 57 3.24 1.61 -13.71
N MET D 58 2.14 0.87 -13.49
CA MET D 58 2.02 -0.46 -14.06
C MET D 58 1.23 -0.41 -15.37
N LYS D 59 0.96 0.81 -15.88
CA LYS D 59 0.18 1.03 -17.08
C LYS D 59 -1.11 0.22 -17.00
N SER D 60 -1.83 0.32 -15.88
CA SER D 60 -3.11 -0.34 -15.75
C SER D 60 -4.12 0.20 -16.77
N PRO D 61 -4.99 -0.66 -17.33
CA PRO D 61 -6.10 -0.19 -18.18
C PRO D 61 -6.94 0.91 -17.53
N GLN D 62 -7.13 0.86 -16.20
CA GLN D 62 -8.02 1.76 -15.50
C GLN D 62 -7.32 3.01 -14.96
N ALA D 63 -6.06 3.26 -15.36
CA ALA D 63 -5.29 4.37 -14.81
C ALA D 63 -5.96 5.70 -15.06
N ARG D 64 -6.52 5.89 -16.26
CA ARG D 64 -7.16 7.14 -16.66
C ARG D 64 -8.38 7.39 -15.77
N HIS D 65 -9.18 6.36 -15.55
CA HIS D 65 -10.36 6.53 -14.71
C HIS D 65 -9.98 6.81 -13.26
N ILE D 66 -9.00 6.06 -12.75
CA ILE D 66 -8.56 6.20 -11.37
C ILE D 66 -8.09 7.64 -11.14
N CYS D 67 -7.31 8.18 -12.08
CA CYS D 67 -6.86 9.55 -11.92
C CYS D 67 -8.03 10.54 -11.96
N GLU D 68 -9.07 10.24 -12.74
CA GLU D 68 -10.28 11.06 -12.72
C GLU D 68 -10.80 11.14 -11.28
N ASP D 69 -10.89 9.99 -10.60
CA ASP D 69 -11.33 9.99 -9.22
C ASP D 69 -10.34 10.67 -8.29
N CYS D 70 -9.04 10.52 -8.57
CA CYS D 70 -8.04 11.16 -7.75
C CYS D 70 -8.20 12.68 -7.83
N ALA D 71 -8.62 13.19 -8.99
CA ALA D 71 -8.81 14.63 -9.15
C ALA D 71 -9.92 15.11 -8.22
N GLU D 72 -10.98 14.31 -8.07
CA GLU D 72 -12.08 14.68 -7.19
C GLU D 72 -11.63 14.61 -5.74
N ALA D 73 -10.88 13.54 -5.39
CA ALA D 73 -10.32 13.40 -4.06
C ALA D 73 -9.47 14.62 -3.70
N CYS D 74 -8.56 15.01 -4.61
CA CYS D 74 -7.67 16.13 -4.42
C CYS D 74 -8.46 17.42 -4.22
N GLU D 75 -9.48 17.66 -5.06
CA GLU D 75 -10.33 18.84 -4.95
C GLU D 75 -11.04 18.86 -3.59
N ALA D 76 -11.72 17.76 -3.26
CA ALA D 76 -12.42 17.69 -1.99
C ALA D 76 -11.46 17.95 -0.81
N CYS D 77 -10.23 17.39 -0.87
CA CYS D 77 -9.31 17.53 0.24
C CYS D 77 -8.80 18.98 0.31
N ALA D 78 -8.62 19.63 -0.85
CA ALA D 78 -8.21 21.03 -0.85
C ALA D 78 -9.24 21.87 -0.11
N LYS D 79 -10.54 21.68 -0.40
CA LYS D 79 -11.61 22.43 0.27
C LYS D 79 -11.50 22.25 1.79
N GLU D 80 -11.26 21.01 2.24
CA GLU D 80 -11.19 20.71 3.66
C GLU D 80 -9.92 21.26 4.30
N CYS D 81 -8.98 21.80 3.51
CA CYS D 81 -7.72 22.22 4.10
C CYS D 81 -7.61 23.75 4.07
N ASP D 82 -8.55 24.37 3.36
CA ASP D 82 -8.57 25.81 3.15
C ASP D 82 -8.81 26.56 4.45
N ALA D 83 -9.68 26.02 5.32
CA ALA D 83 -10.09 26.71 6.53
C ALA D 83 -8.97 26.76 7.57
N LEU D 84 -7.96 25.90 7.45
CA LEU D 84 -7.15 25.58 8.61
C LEU D 84 -5.82 26.30 8.56
N PRO D 85 -5.39 26.87 9.71
CA PRO D 85 -4.08 27.49 9.80
C PRO D 85 -3.00 26.47 9.49
N ASP D 86 -2.03 26.88 8.66
CA ASP D 86 -0.85 26.08 8.37
C ASP D 86 -1.14 25.01 7.33
N MET D 87 -2.37 24.95 6.77
CA MET D 87 -2.68 23.93 5.79
C MET D 87 -2.74 24.50 4.39
N LYS D 88 -2.20 25.71 4.19
CA LYS D 88 -2.44 26.44 2.96
C LYS D 88 -1.62 25.83 1.83
N ASP D 89 -0.39 25.40 2.17
CA ASP D 89 0.49 24.73 1.24
C ASP D 89 -0.11 23.40 0.80
N CYS D 90 -0.67 22.65 1.76
CA CYS D 90 -1.28 21.37 1.46
C CYS D 90 -2.41 21.57 0.45
N ALA D 91 -3.28 22.56 0.71
CA ALA D 91 -4.43 22.83 -0.13
C ALA D 91 -4.00 23.22 -1.55
N ALA D 92 -2.91 23.99 -1.66
CA ALA D 92 -2.36 24.39 -2.95
C ALA D 92 -1.85 23.15 -3.72
N GLN D 93 -1.06 22.32 -3.02
CA GLN D 93 -0.57 21.08 -3.58
C GLN D 93 -1.73 20.21 -4.08
N CYS D 94 -2.80 20.11 -3.30
CA CYS D 94 -3.93 19.29 -3.69
C CYS D 94 -4.60 19.83 -4.96
N ARG D 95 -4.67 21.16 -5.09
CA ARG D 95 -5.27 21.78 -6.26
C ARG D 95 -4.35 21.60 -7.47
N ARG D 96 -3.05 21.63 -7.23
CA ARG D 96 -2.08 21.40 -8.28
C ARG D 96 -2.21 19.96 -8.79
N CYS D 97 -2.22 18.99 -7.87
CA CYS D 97 -2.33 17.59 -8.25
C CYS D 97 -3.63 17.34 -9.01
N ALA D 98 -4.74 17.91 -8.53
CA ALA D 98 -6.05 17.76 -9.16
C ALA D 98 -6.01 18.19 -10.63
N GLU D 99 -5.23 19.22 -10.93
CA GLU D 99 -5.08 19.66 -12.29
C GLU D 99 -4.31 18.63 -13.12
N ALA D 100 -3.15 18.19 -12.60
CA ALA D 100 -2.35 17.15 -13.21
C ALA D 100 -3.19 15.88 -13.45
N CYS D 101 -3.93 15.44 -12.43
CA CYS D 101 -4.83 14.30 -12.60
C CYS D 101 -5.76 14.54 -13.79
N ARG D 102 -6.33 15.74 -13.91
CA ARG D 102 -7.32 16.02 -14.95
C ARG D 102 -6.67 16.06 -16.34
N LYS D 103 -5.47 16.62 -16.44
CA LYS D 103 -4.75 16.64 -17.72
C LYS D 103 -4.60 15.19 -18.20
N MET D 104 -3.94 14.33 -17.41
CA MET D 104 -3.58 13.01 -17.91
C MET D 104 -4.83 12.15 -18.08
N ALA D 105 -5.90 12.40 -17.33
CA ALA D 105 -7.10 11.60 -17.46
C ALA D 105 -7.75 11.82 -18.82
N GLY D 106 -7.39 12.94 -19.47
CA GLY D 106 -7.98 13.33 -20.74
C GLY D 106 -7.05 13.15 -21.93
N GLN D 107 -5.97 12.38 -21.79
CA GLN D 107 -4.95 12.26 -22.83
C GLN D 107 -4.66 10.80 -23.15
CU CU1 E . 14.92 5.99 5.47
CU CU1 F . 14.98 5.80 2.03
CU CU1 G . 15.22 3.65 3.50
CU CU1 H . 14.27 2.14 0.99
CU CU1 I . 16.86 3.33 0.29
CU CU1 J . 14.99 2.30 -1.64
CU CU1 K . 15.55 -0.22 -0.20
CU CU1 L . 15.78 0.49 -3.80
CU CU1 M . 13.60 -1.02 -3.10
CU CU1 N . 14.82 -1.74 -5.73
CU CU1 O . 14.32 0.51 -6.72
CU CU1 P . 16.06 -3.18 -7.59
CU CU1 Q . 17.01 -1.26 -9.17
CU CU1 R . 16.32 -3.63 -10.77
CU CU1 S . 17.10 -5.43 -9.01
CU CU1 T . 13.49 -7.21 -14.61
CU CU1 U . 14.32 -6.07 -16.87
ZN ZN V . 14.22 -5.73 10.70
CU CU1 W . 4.66 -13.64 8.97
CU CU1 X . 1.66 -12.38 10.21
CU CU1 Y . 3.90 -11.34 10.79
CU CU1 Z . 2.29 -8.66 11.40
CU CU1 AA . 1.54 -10.65 13.38
CU CU1 BA . 0.00 -8.23 12.67
CU CU1 CA . 2.63 -7.06 13.72
CU CU1 DA . -0.80 -6.45 14.89
CU CU1 EA . 0.16 -4.44 13.24
CU CU1 FA . -1.63 -3.62 15.52
CU CU1 GA . -3.63 -4.68 14.42
CU CU1 HA . -2.53 -2.14 17.39
CU CU1 IA . -4.56 -3.72 18.20
CU CU1 JA . -5.11 -0.89 19.13
CU CU1 KA . -2.53 -0.44 19.84
CU CU1 LA . -7.05 4.76 19.14
CU CU1 MA . -9.49 4.17 20.20
CU CU1 NA . -16.92 -2.63 -1.11
CU CU1 OA . -15.23 -5.58 -1.54
CU CU1 PA . -15.33 -3.73 -3.40
CU CU1 QA . -12.68 -5.11 -4.54
CU CU1 RA . -14.95 -6.99 -4.84
CU CU1 SA . -12.10 -7.73 -5.17
CU CU1 TA . -12.41 -5.96 -7.37
CU CU1 UA . -11.00 -9.43 -7.10
CU CU1 VA . -9.21 -7.47 -7.51
CU CU1 WA . -8.50 -9.95 -8.85
CU CU1 XA . -8.51 -11.29 -6.76
CU CU1 YA . -8.37 -11.84 -10.88
CU CU1 ZA . -9.01 -14.02 -9.77
CU CU1 AB . -6.75 -14.53 -11.68
CU CU1 BB . -7.49 -12.83 -13.42
CU CU1 CB . -1.37 -15.62 -13.95
CU CU1 DB . -1.37 -18.21 -13.57
ZN ZN EB . -14.03 5.62 -10.43
CU CU1 FB . -2.62 10.18 -13.46
CU CU1 GB . -1.30 12.05 -10.90
CU CU1 HB . -3.74 11.32 -10.98
CU CU1 IB . -3.71 11.58 -7.81
CU CU1 JB . -3.42 14.25 -9.01
CU CU1 KB . -2.90 13.61 -6.11
CU CU1 LB . -5.65 13.19 -6.31
CU CU1 MB . -3.65 15.24 -3.93
CU CU1 NB . -4.52 12.93 -2.91
CU CU1 OB . -4.46 15.03 -1.02
CU CU1 PB . -2.03 15.46 -1.16
CU CU1 QB . -5.38 17.06 0.58
CU CU1 RB . -3.43 18.91 0.47
CU CU1 SB . -4.39 18.93 3.12
CU CU1 TB . -6.89 18.53 2.45
CU CU1 UB . -5.04 18.22 8.96
CU CU1 VB . -3.49 20.13 9.83
#